data_6EZX
#
_entry.id   6EZX
#
_cell.length_a   59.340
_cell.length_b   43.417
_cell.length_c   86.498
_cell.angle_alpha   90.00
_cell.angle_beta   96.14
_cell.angle_gamma   90.00
#
_symmetry.space_group_name_H-M   'P 1 21 1'
#
loop_
_entity.id
_entity.type
_entity.pdbx_description
1 polymer 'Cathepsin L1'
2 non-polymer (3~{S},14~{E})-19-chloranyl-~{N}-[1-(iminomethyl)cyclopropyl]-5-oxidanylidene-17-oxa-4-azatricyclo[16.2.2.0^{6,11}]docosa-1(21),6,8,10,14,18(22),19-heptaene-3-carboxamide
3 water water
#
_entity_poly.entity_id   1
_entity_poly.type   'polypeptide(L)'
_entity_poly.pdbx_seq_one_letter_code
;APRSVDWREKGYVTPVKNQGQCGSCWAFSATGALEGQMFRKTGRLISLSEQNLVDCSGPQGNEGCNGGLMDYAFQYVQDN
GGLDSEESYPYEATEESCKYNPKYSVANDTGFVDIPKQEKALMKAVATVGPISVAIDAGHESFLFYKEGIYFEPDCSSED
MDHGVLVVGYGFESTESDNNKYWLVKNSWGEEWGMGGYVKMAKDRRNHCGIASAASYPTV
;
_entity_poly.pdbx_strand_id   A,B
#
loop_
_chem_comp.id
_chem_comp.type
_chem_comp.name
_chem_comp.formula
C7Q non-polymer (3~{S},14~{E})-19-chloranyl-~{N}-[1-(iminomethyl)cyclopropyl]-5-oxidanylidene-17-oxa-4-azatricyclo[16.2.2.0^{6,11}]docosa-1(21),6,8,10,14,18(22),19-heptaene-3-carboxamide 'C25 H26 Cl N3 O3'
#
# COMPACT_ATOMS: atom_id res chain seq x y z
N ALA A 1 -14.21 28.49 -14.29
CA ALA A 1 -13.58 27.76 -13.14
C ALA A 1 -13.98 28.37 -11.78
N PRO A 2 -13.98 27.55 -10.70
CA PRO A 2 -14.04 27.96 -9.28
C PRO A 2 -13.05 29.07 -8.88
N ARG A 3 -13.19 29.60 -7.67
CA ARG A 3 -12.30 30.66 -7.18
C ARG A 3 -11.18 30.14 -6.26
N SER A 4 -11.34 28.91 -5.76
CA SER A 4 -10.49 28.34 -4.72
C SER A 4 -10.63 26.81 -4.75
N VAL A 5 -9.56 26.11 -5.16
CA VAL A 5 -9.57 24.65 -5.33
C VAL A 5 -8.48 23.96 -4.49
N ASP A 6 -8.83 22.82 -3.90
CA ASP A 6 -7.82 21.97 -3.24
C ASP A 6 -8.25 20.51 -3.44
N TRP A 7 -7.51 19.78 -4.29
CA TRP A 7 -7.86 18.37 -4.58
C TRP A 7 -7.46 17.39 -3.49
N ARG A 8 -6.71 17.85 -2.50
CA ARG A 8 -6.37 17.03 -1.32
C ARG A 8 -7.56 16.73 -0.47
N GLU A 9 -8.46 17.67 -0.42
CA GLU A 9 -9.63 17.57 0.42
C GLU A 9 -10.71 16.72 -0.24
N LYS A 10 -10.38 16.11 -1.37
CA LYS A 10 -11.31 15.22 -2.07
C LYS A 10 -10.71 13.81 -2.16
N GLY A 11 -9.60 13.58 -1.45
CA GLY A 11 -8.95 12.28 -1.44
C GLY A 11 -8.39 11.90 -2.80
N TYR A 12 -7.96 12.93 -3.54
CA TYR A 12 -7.39 12.79 -4.88
C TYR A 12 -5.86 12.70 -4.84
N VAL A 13 -5.29 12.99 -3.67
CA VAL A 13 -3.83 13.09 -3.56
C VAL A 13 -3.25 12.13 -2.55
N THR A 14 -2.28 11.32 -2.97
CA THR A 14 -1.51 10.50 -2.02
C THR A 14 -0.58 11.34 -1.10
N PRO A 15 -0.17 10.78 0.06
CA PRO A 15 0.74 11.57 0.91
C PRO A 15 2.02 11.93 0.16
N VAL A 16 2.76 12.89 0.71
CA VAL A 16 3.96 13.38 0.04
C VAL A 16 5.11 12.34 0.05
N LYS A 17 5.64 12.06 -1.14
CA LYS A 17 6.79 11.17 -1.31
C LYS A 17 8.15 11.91 -1.34
N ASN A 18 9.22 11.14 -1.31
CA ASN A 18 10.56 11.67 -1.30
C ASN A 18 11.34 10.95 -2.37
N GLN A 19 11.91 11.73 -3.29
CA GLN A 19 12.70 11.19 -4.42
C GLN A 19 14.14 10.93 -4.04
N GLY A 20 14.60 11.57 -2.97
CA GLY A 20 15.94 11.35 -2.43
C GLY A 20 17.03 11.71 -3.44
N GLN A 21 18.15 10.97 -3.39
CA GLN A 21 19.35 11.30 -4.18
C GLN A 21 19.28 10.82 -5.63
N CYS A 22 18.14 11.07 -6.27
CA CYS A 22 17.92 10.61 -7.62
C CYS A 22 17.03 11.65 -8.33
N GLY A 23 17.29 11.91 -9.61
CA GLY A 23 16.57 12.96 -10.35
C GLY A 23 15.29 12.49 -11.04
N SER A 24 14.33 12.03 -10.24
CA SER A 24 13.13 11.42 -10.79
C SER A 24 11.87 12.26 -10.61
N CYS A 25 12.03 13.56 -10.30
CA CYS A 25 10.87 14.48 -10.13
C CYS A 25 9.76 14.24 -11.16
N TRP A 26 10.18 14.04 -12.41
CA TRP A 26 9.23 13.87 -13.52
C TRP A 26 8.26 12.74 -13.30
N ALA A 27 8.75 11.62 -12.75
CA ALA A 27 7.98 10.40 -12.45
C ALA A 27 7.06 10.49 -11.22
N PHE A 28 7.43 11.35 -10.25
CA PHE A 28 6.56 11.68 -9.15
C PHE A 28 5.44 12.63 -9.62
N SER A 29 5.79 13.51 -10.55
CA SER A 29 4.83 14.41 -11.16
C SER A 29 3.81 13.61 -12.00
N ALA A 30 4.31 12.64 -12.77
CA ALA A 30 3.44 11.79 -13.61
C ALA A 30 2.51 10.90 -12.76
N THR A 31 3.04 10.23 -11.74
CA THR A 31 2.24 9.33 -10.94
C THR A 31 1.26 10.10 -10.10
N GLY A 32 1.64 11.31 -9.66
CA GLY A 32 0.66 12.19 -8.99
C GLY A 32 -0.59 12.47 -9.85
N ALA A 33 -0.38 12.78 -11.13
CA ALA A 33 -1.50 13.25 -11.98
C ALA A 33 -2.31 12.05 -12.43
N LEU A 34 -1.62 10.93 -12.62
CA LEU A 34 -2.23 9.63 -12.94
C LEU A 34 -3.01 9.02 -11.75
N GLU A 35 -2.51 9.24 -10.54
CA GLU A 35 -3.20 8.85 -9.29
C GLU A 35 -4.56 9.52 -9.11
N GLY A 36 -4.59 10.85 -9.18
CA GLY A 36 -5.85 11.64 -9.23
C GLY A 36 -6.86 11.27 -10.32
N GLN A 37 -6.39 10.97 -11.53
CA GLN A 37 -7.27 10.59 -12.65
C GLN A 37 -7.80 9.16 -12.49
N MET A 38 -6.96 8.22 -12.06
CA MET A 38 -7.41 6.89 -11.68
C MET A 38 -8.44 7.00 -10.54
N PHE A 39 -8.22 7.96 -9.63
CA PHE A 39 -9.15 8.18 -8.53
C PHE A 39 -10.53 8.67 -8.96
N ARG A 40 -10.60 9.68 -9.83
CA ARG A 40 -11.90 10.18 -10.32
C ARG A 40 -12.66 9.06 -11.02
N LYS A 41 -11.93 8.29 -11.82
CA LYS A 41 -12.45 7.14 -12.57
C LYS A 41 -12.96 6.02 -11.65
N THR A 42 -12.07 5.47 -10.80
CA THR A 42 -12.37 4.24 -10.05
C THR A 42 -12.86 4.49 -8.63
N GLY A 43 -12.69 5.72 -8.12
CA GLY A 43 -12.99 6.02 -6.72
C GLY A 43 -11.98 5.51 -5.70
N ARG A 44 -10.96 4.77 -6.14
CA ARG A 44 -9.90 4.31 -5.24
C ARG A 44 -8.58 5.02 -5.43
N LEU A 45 -8.08 5.58 -4.33
CA LEU A 45 -6.73 6.15 -4.27
C LEU A 45 -5.67 5.05 -4.07
N ILE A 46 -4.94 4.75 -5.13
CA ILE A 46 -3.83 3.79 -5.07
C ILE A 46 -2.55 4.45 -5.59
N SER A 47 -1.54 4.41 -4.73
CA SER A 47 -0.22 4.98 -4.98
C SER A 47 0.49 4.16 -6.06
N LEU A 48 1.09 4.87 -7.02
CA LEU A 48 1.68 4.31 -8.22
C LEU A 48 3.20 4.26 -8.22
N SER A 49 3.74 3.30 -8.97
CA SER A 49 5.16 2.99 -8.89
C SER A 49 6.00 3.97 -9.66
N GLU A 50 6.67 4.89 -8.94
CA GLU A 50 7.58 5.82 -9.61
C GLU A 50 8.78 5.10 -10.15
N GLN A 51 9.14 4.00 -9.51
CA GLN A 51 10.27 3.14 -9.91
C GLN A 51 10.01 2.45 -11.25
N ASN A 52 8.77 2.04 -11.47
CA ASN A 52 8.35 1.45 -12.74
C ASN A 52 8.62 2.41 -13.89
N LEU A 53 8.39 3.71 -13.66
CA LEU A 53 8.70 4.73 -14.66
C LEU A 53 10.21 4.96 -14.80
N VAL A 54 10.90 5.12 -13.66
CA VAL A 54 12.36 5.25 -13.60
C VAL A 54 13.15 4.13 -14.30
N ASP A 55 12.64 2.91 -14.24
CA ASP A 55 13.33 1.74 -14.77
C ASP A 55 13.05 1.48 -16.24
N CYS A 56 11.78 1.65 -16.63
CA CYS A 56 11.34 1.09 -17.91
C CYS A 56 11.11 2.11 -19.01
N SER A 57 10.95 3.37 -18.64
CA SER A 57 10.53 4.41 -19.61
C SER A 57 11.69 5.10 -20.33
N GLY A 58 12.86 4.51 -20.19
CA GLY A 58 14.04 4.91 -20.94
C GLY A 58 13.82 4.98 -22.45
N PRO A 59 13.29 3.89 -23.08
CA PRO A 59 13.04 3.94 -24.52
C PRO A 59 12.11 5.10 -24.95
N GLN A 60 11.06 5.39 -24.19
CA GLN A 60 10.17 6.53 -24.53
C GLN A 60 10.77 7.91 -24.22
N GLY A 61 12.07 7.93 -23.94
CA GLY A 61 12.87 9.16 -23.89
C GLY A 61 13.20 9.70 -22.51
N ASN A 62 13.17 8.86 -21.48
CA ASN A 62 13.54 9.33 -20.14
C ASN A 62 14.96 8.92 -19.75
N GLU A 63 15.46 9.59 -18.72
CA GLU A 63 16.86 9.40 -18.31
C GLU A 63 16.97 8.91 -16.86
N GLY A 64 16.05 8.04 -16.45
CA GLY A 64 16.13 7.42 -15.14
C GLY A 64 16.31 8.43 -14.04
N CYS A 65 17.43 8.35 -13.32
CA CYS A 65 17.68 9.28 -12.22
C CYS A 65 18.53 10.51 -12.65
N ASN A 66 18.40 10.88 -13.92
CA ASN A 66 19.08 12.06 -14.48
C ASN A 66 18.14 13.03 -15.22
N GLY A 67 16.83 12.81 -15.09
CA GLY A 67 15.85 13.68 -15.74
C GLY A 67 14.83 12.94 -16.57
N GLY A 68 13.73 13.63 -16.87
CA GLY A 68 12.70 13.10 -17.75
C GLY A 68 11.57 14.07 -18.02
N LEU A 69 10.66 13.64 -18.90
CA LEU A 69 9.42 14.36 -19.15
C LEU A 69 8.17 13.57 -18.68
N MET A 70 7.20 14.28 -18.11
CA MET A 70 5.93 13.70 -17.67
C MET A 70 5.14 13.08 -18.82
N ASP A 71 5.05 13.78 -19.95
CA ASP A 71 4.31 13.27 -21.11
C ASP A 71 4.93 12.00 -21.65
N TYR A 72 6.26 11.92 -21.57
CA TYR A 72 7.00 10.68 -21.91
C TYR A 72 6.62 9.53 -20.94
N ALA A 73 6.47 9.85 -19.66
CA ALA A 73 5.91 8.91 -18.69
C ALA A 73 4.50 8.45 -19.08
N PHE A 74 3.66 9.36 -19.53
CA PHE A 74 2.28 9.02 -19.94
C PHE A 74 2.28 8.15 -21.16
N GLN A 75 3.19 8.46 -22.08
CA GLN A 75 3.42 7.69 -23.31
C GLN A 75 3.92 6.27 -22.99
N TYR A 76 4.88 6.15 -22.07
CA TYR A 76 5.31 4.80 -21.65
C TYR A 76 4.09 3.99 -21.16
N VAL A 77 3.27 4.55 -20.25
CA VAL A 77 2.11 3.84 -19.64
C VAL A 77 1.14 3.31 -20.71
N GLN A 78 0.98 4.09 -21.77
CA GLN A 78 0.07 3.75 -22.82
C GLN A 78 0.64 2.62 -23.69
N ASP A 79 1.95 2.67 -23.95
CA ASP A 79 2.65 1.71 -24.85
C ASP A 79 2.85 0.35 -24.18
N ASN A 80 3.45 0.41 -22.99
CA ASN A 80 3.52 -0.65 -21.97
C ASN A 80 2.17 -1.28 -21.57
N GLY A 81 1.07 -0.55 -21.86
CA GLY A 81 -0.27 -0.97 -21.47
C GLY A 81 -0.46 -1.07 -19.96
N GLY A 82 0.15 -0.18 -19.18
CA GLY A 82 -0.09 -0.23 -17.73
C GLY A 82 1.04 0.20 -16.81
N LEU A 83 0.74 0.18 -15.50
CA LEU A 83 1.64 0.65 -14.45
C LEU A 83 1.30 0.02 -13.10
N ASP A 84 2.31 -0.57 -12.47
CA ASP A 84 2.16 -1.24 -11.19
C ASP A 84 1.96 -0.26 -10.07
N SER A 85 1.35 -0.76 -9.01
CA SER A 85 1.17 -0.04 -7.76
C SER A 85 2.53 0.17 -7.10
N GLU A 86 2.59 1.15 -6.21
CA GLU A 86 3.76 1.44 -5.42
C GLU A 86 4.13 0.18 -4.65
N GLU A 87 3.12 -0.45 -4.05
CA GLU A 87 3.32 -1.66 -3.24
C GLU A 87 4.07 -2.81 -3.93
N SER A 88 3.69 -3.15 -5.17
CA SER A 88 4.37 -4.22 -5.90
C SER A 88 5.77 -3.82 -6.41
N TYR A 89 5.94 -2.54 -6.77
CA TYR A 89 7.18 -2.10 -7.40
C TYR A 89 7.74 -0.90 -6.63
N PRO A 90 8.38 -1.16 -5.48
CA PRO A 90 8.72 -0.07 -4.57
C PRO A 90 9.88 0.82 -5.08
N TYR A 91 9.84 2.09 -4.68
CA TYR A 91 10.87 3.05 -5.03
C TYR A 91 12.23 2.69 -4.40
N GLU A 92 13.20 2.32 -5.24
CA GLU A 92 14.51 1.95 -4.76
C GLU A 92 15.50 3.11 -4.94
N ALA A 93 15.02 4.23 -5.49
CA ALA A 93 15.80 5.47 -5.70
C ALA A 93 17.18 5.35 -6.42
N THR A 94 17.31 4.37 -7.31
CA THR A 94 18.35 4.37 -8.36
C THR A 94 17.67 3.81 -9.58
N GLU A 95 18.15 4.17 -10.77
CA GLU A 95 17.79 3.43 -11.98
C GLU A 95 18.24 1.97 -11.81
N GLU A 96 17.29 1.04 -11.92
CA GLU A 96 17.58 -0.41 -11.91
C GLU A 96 17.09 -1.00 -13.23
N SER A 97 16.91 -2.32 -13.25
CA SER A 97 16.49 -3.04 -14.47
C SER A 97 14.97 -3.27 -14.48
N CYS A 98 14.38 -3.35 -15.67
CA CYS A 98 12.91 -3.34 -15.80
C CYS A 98 12.27 -4.62 -15.28
N LYS A 99 11.56 -4.49 -14.17
CA LYS A 99 10.89 -5.61 -13.53
C LYS A 99 9.36 -5.47 -13.53
N TYR A 100 8.82 -4.72 -14.50
CA TYR A 100 7.35 -4.57 -14.67
C TYR A 100 6.69 -5.93 -14.79
N ASN A 101 5.64 -6.14 -14.00
CA ASN A 101 4.82 -7.35 -14.07
C ASN A 101 3.36 -6.93 -14.28
N PRO A 102 2.76 -7.36 -15.39
CA PRO A 102 1.41 -6.90 -15.74
C PRO A 102 0.33 -7.35 -14.76
N LYS A 103 0.60 -8.37 -13.95
CA LYS A 103 -0.35 -8.84 -12.94
C LYS A 103 -0.57 -7.85 -11.78
N TYR A 104 0.27 -6.84 -11.66
CA TYR A 104 0.10 -5.90 -10.55
C TYR A 104 -0.33 -4.50 -10.99
N SER A 105 -0.26 -4.26 -12.29
CA SER A 105 -0.71 -3.00 -12.90
C SER A 105 -2.05 -2.53 -12.35
N VAL A 106 -2.09 -1.32 -11.82
CA VAL A 106 -3.32 -0.78 -11.21
C VAL A 106 -3.76 0.54 -11.87
N ALA A 107 -3.15 0.89 -13.00
CA ALA A 107 -3.44 2.13 -13.73
C ALA A 107 -3.19 1.98 -15.24
N ASN A 108 -3.81 2.86 -16.02
N ASN A 108 -3.79 2.86 -16.03
CA ASN A 108 -3.67 2.88 -17.47
CA ASN A 108 -3.60 2.85 -17.49
C ASN A 108 -3.88 4.31 -17.99
C ASN A 108 -4.10 4.13 -18.14
N ASP A 109 -3.49 4.54 -19.24
CA ASP A 109 -3.93 5.74 -19.99
C ASP A 109 -4.19 5.54 -21.51
N THR A 110 -4.76 6.57 -22.13
CA THR A 110 -4.99 6.60 -23.57
C THR A 110 -4.28 7.80 -24.15
N GLY A 111 -3.19 8.21 -23.52
CA GLY A 111 -2.45 9.40 -23.90
C GLY A 111 -2.44 10.48 -22.85
N PHE A 112 -2.18 11.71 -23.29
CA PHE A 112 -2.07 12.89 -22.43
C PHE A 112 -2.63 14.10 -23.16
N VAL A 113 -2.65 15.24 -22.49
CA VAL A 113 -3.23 16.49 -23.02
C VAL A 113 -2.35 17.64 -22.60
N ASP A 114 -1.91 18.45 -23.56
CA ASP A 114 -1.11 19.64 -23.23
C ASP A 114 -1.96 20.91 -23.16
N ILE A 115 -2.14 21.43 -21.96
CA ILE A 115 -2.83 22.70 -21.69
C ILE A 115 -2.12 23.86 -22.39
N PRO A 116 -2.89 24.78 -23.01
CA PRO A 116 -2.22 25.99 -23.50
C PRO A 116 -1.41 26.69 -22.39
N LYS A 117 -0.34 27.36 -22.80
CA LYS A 117 0.67 27.97 -21.93
C LYS A 117 0.25 29.32 -21.35
N GLN A 118 -0.99 29.37 -20.84
CA GLN A 118 -1.57 30.55 -20.18
C GLN A 118 -1.97 30.11 -18.79
N GLU A 119 -1.88 31.02 -17.83
CA GLU A 119 -2.18 30.71 -16.42
C GLU A 119 -3.66 30.49 -16.19
N LYS A 120 -4.49 31.15 -17.00
CA LYS A 120 -5.93 30.90 -17.03
C LYS A 120 -6.27 29.52 -17.63
N ALA A 121 -5.56 29.10 -18.69
CA ALA A 121 -5.76 27.72 -19.22
C ALA A 121 -5.40 26.66 -18.16
N LEU A 122 -4.32 26.90 -17.41
CA LEU A 122 -3.97 26.02 -16.28
C LEU A 122 -4.94 26.14 -15.10
N MET A 123 -5.61 27.29 -14.95
CA MET A 123 -6.63 27.43 -13.93
C MET A 123 -7.81 26.52 -14.23
N LYS A 124 -8.39 26.69 -15.43
CA LYS A 124 -9.55 25.94 -15.90
C LYS A 124 -9.32 24.43 -15.85
N ALA A 125 -8.17 24.00 -16.35
CA ALA A 125 -7.74 22.60 -16.22
C ALA A 125 -7.65 22.08 -14.76
N VAL A 126 -6.90 22.76 -13.90
CA VAL A 126 -6.84 22.33 -12.48
C VAL A 126 -8.25 22.19 -11.87
N ALA A 127 -9.21 22.97 -12.38
CA ALA A 127 -10.61 22.96 -11.90
C ALA A 127 -11.54 21.82 -12.43
N THR A 128 -11.51 21.53 -13.73
CA THR A 128 -12.36 20.47 -14.30
C THR A 128 -11.70 19.07 -14.39
N VAL A 129 -10.39 19.01 -14.29
CA VAL A 129 -9.66 17.78 -14.54
C VAL A 129 -9.22 17.11 -13.24
N GLY A 130 -8.47 17.83 -12.42
CA GLY A 130 -7.91 17.25 -11.21
C GLY A 130 -6.50 17.73 -11.09
N PRO A 131 -5.68 17.08 -10.23
CA PRO A 131 -4.31 17.57 -10.11
C PRO A 131 -3.58 17.45 -11.45
N ILE A 132 -2.64 18.38 -11.70
CA ILE A 132 -1.97 18.58 -13.02
C ILE A 132 -0.46 18.52 -12.93
N SER A 133 0.20 17.77 -13.85
CA SER A 133 1.66 17.70 -13.93
C SER A 133 2.18 18.99 -14.54
N VAL A 134 3.06 19.67 -13.82
CA VAL A 134 3.68 20.90 -14.31
C VAL A 134 5.17 20.91 -14.05
N ALA A 135 5.85 21.81 -14.74
CA ALA A 135 7.28 21.99 -14.58
C ALA A 135 7.56 23.40 -14.13
N ILE A 136 8.58 23.54 -13.30
CA ILE A 136 8.91 24.83 -12.75
C ILE A 136 10.40 25.13 -12.85
N ASP A 137 10.78 26.40 -12.66
CA ASP A 137 12.17 26.78 -12.52
C ASP A 137 12.50 26.66 -11.02
N ALA A 138 13.15 25.56 -10.65
CA ALA A 138 13.41 25.27 -9.24
C ALA A 138 14.84 25.52 -8.76
N GLY A 139 15.72 26.01 -9.64
CA GLY A 139 17.16 26.05 -9.39
C GLY A 139 17.70 26.96 -8.30
N HIS A 140 16.83 27.83 -7.76
CA HIS A 140 17.25 28.88 -6.83
C HIS A 140 17.45 28.43 -5.41
N GLU A 141 18.54 28.92 -4.81
CA GLU A 141 18.85 28.70 -3.41
C GLU A 141 17.60 28.85 -2.54
N SER A 142 16.73 29.79 -2.90
CA SER A 142 15.50 30.07 -2.13
C SER A 142 14.38 29.00 -2.27
N PHE A 143 14.43 28.19 -3.31
CA PHE A 143 13.42 27.12 -3.44
C PHE A 143 13.87 25.93 -2.59
N LEU A 144 15.12 25.51 -2.81
CA LEU A 144 15.81 24.52 -1.98
C LEU A 144 15.59 24.66 -0.44
N PHE A 145 15.37 25.89 0.04
CA PHE A 145 15.11 26.13 1.46
C PHE A 145 13.71 26.72 1.81
N TYR A 146 12.68 26.44 1.00
CA TYR A 146 11.32 27.01 1.22
C TYR A 146 10.64 26.65 2.57
N LYS A 147 9.84 27.58 3.09
CA LYS A 147 9.15 27.37 4.37
C LYS A 147 7.62 27.54 4.36
N GLU A 148 7.12 28.72 3.96
CA GLU A 148 5.70 29.09 4.07
C GLU A 148 5.40 30.33 3.24
N GLY A 149 4.17 30.83 3.34
CA GLY A 149 3.71 31.97 2.54
C GLY A 149 3.63 31.65 1.05
N ILE A 150 3.45 32.70 0.23
CA ILE A 150 3.52 32.57 -1.23
C ILE A 150 4.96 32.77 -1.70
N TYR A 151 5.49 31.77 -2.36
CA TYR A 151 6.79 31.88 -3.01
C TYR A 151 6.76 32.81 -4.24
N PHE A 152 7.71 33.76 -4.25
CA PHE A 152 7.93 34.67 -5.36
C PHE A 152 9.42 35.02 -5.43
N GLU A 153 10.10 34.53 -6.46
CA GLU A 153 11.53 34.71 -6.65
C GLU A 153 11.81 35.52 -7.92
N PRO A 154 12.21 36.80 -7.76
CA PRO A 154 12.41 37.75 -8.87
C PRO A 154 13.24 37.21 -10.05
N ASP A 155 14.17 36.31 -9.75
CA ASP A 155 15.15 35.83 -10.73
C ASP A 155 14.64 34.56 -11.45
N CYS A 156 13.42 34.15 -11.11
CA CYS A 156 12.83 32.94 -11.68
C CYS A 156 12.62 33.13 -13.18
N SER A 157 12.77 32.03 -13.92
CA SER A 157 12.62 32.02 -15.38
C SER A 157 11.30 31.39 -15.85
N SER A 158 10.73 31.95 -16.91
CA SER A 158 9.46 31.46 -17.42
C SER A 158 9.55 30.48 -18.62
N GLU A 159 10.73 30.36 -19.23
CA GLU A 159 10.92 29.45 -20.38
C GLU A 159 11.88 28.30 -20.09
N ASP A 160 12.79 28.46 -19.13
CA ASP A 160 13.74 27.39 -18.81
C ASP A 160 13.44 26.73 -17.46
N MET A 161 12.67 25.65 -17.49
CA MET A 161 12.27 24.90 -16.29
C MET A 161 13.03 23.60 -16.12
N ASP A 162 13.28 23.23 -14.86
CA ASP A 162 14.17 22.09 -14.54
C ASP A 162 13.56 21.01 -13.64
N HIS A 163 12.37 21.28 -13.08
CA HIS A 163 11.80 20.42 -12.04
C HIS A 163 10.35 20.11 -12.31
N GLY A 164 9.97 18.85 -12.12
CA GLY A 164 8.58 18.42 -12.35
C GLY A 164 7.85 18.28 -11.04
N VAL A 165 6.68 18.90 -10.96
CA VAL A 165 5.87 18.91 -9.77
C VAL A 165 4.40 18.70 -10.09
N LEU A 166 3.54 18.86 -9.09
CA LEU A 166 2.12 18.59 -9.30
C LEU A 166 1.28 19.68 -8.66
N VAL A 167 0.39 20.23 -9.46
CA VAL A 167 -0.51 21.24 -8.97
C VAL A 167 -1.85 20.66 -8.51
N VAL A 168 -2.13 20.84 -7.21
CA VAL A 168 -3.25 20.21 -6.54
C VAL A 168 -4.44 21.20 -6.30
N GLY A 169 -4.28 22.44 -6.77
CA GLY A 169 -5.30 23.46 -6.57
C GLY A 169 -4.72 24.85 -6.46
N TYR A 170 -5.51 25.79 -5.95
CA TYR A 170 -5.10 27.18 -5.87
C TYR A 170 -6.09 27.93 -5.02
N GLY A 171 -5.74 29.14 -4.61
CA GLY A 171 -6.61 29.95 -3.79
C GLY A 171 -6.07 31.37 -3.62
N PHE A 172 -6.55 32.05 -2.58
CA PHE A 172 -6.09 33.40 -2.23
C PHE A 172 -5.79 33.52 -0.73
N GLU A 173 -5.71 34.74 -0.21
CA GLU A 173 -5.37 34.94 1.21
C GLU A 173 -6.20 36.00 1.90
N SER A 177 -4.68 40.46 0.47
CA SER A 177 -4.48 41.87 0.79
C SER A 177 -3.60 42.61 -0.22
N ASP A 178 -2.65 41.90 -0.84
CA ASP A 178 -1.73 42.49 -1.83
C ASP A 178 -1.71 41.70 -3.13
N ASN A 179 -0.72 40.81 -3.29
CA ASN A 179 -0.73 39.83 -4.38
C ASN A 179 -1.02 38.44 -3.82
N ASN A 180 -2.31 38.15 -3.70
CA ASN A 180 -2.81 37.11 -2.80
C ASN A 180 -3.20 35.73 -3.38
N LYS A 181 -2.94 35.51 -4.67
CA LYS A 181 -3.30 34.26 -5.38
C LYS A 181 -2.10 33.31 -5.48
N TYR A 182 -2.35 32.01 -5.52
CA TYR A 182 -1.26 31.02 -5.54
C TYR A 182 -1.64 29.66 -6.15
N TRP A 183 -0.63 28.90 -6.57
CA TRP A 183 -0.81 27.50 -6.93
C TRP A 183 -0.39 26.69 -5.76
N LEU A 184 -1.15 25.65 -5.45
CA LEU A 184 -0.79 24.73 -4.39
C LEU A 184 -0.06 23.62 -5.07
N VAL A 185 1.25 23.54 -4.81
CA VAL A 185 2.11 22.62 -5.55
C VAL A 185 2.65 21.52 -4.62
N LYS A 186 2.42 20.27 -5.03
CA LYS A 186 2.96 19.09 -4.38
C LYS A 186 4.34 18.83 -4.96
N ASN A 187 5.35 18.86 -4.09
CA ASN A 187 6.70 18.53 -4.45
C ASN A 187 7.00 17.12 -3.94
N SER A 188 8.14 16.56 -4.38
CA SER A 188 8.51 15.20 -4.07
C SER A 188 9.82 15.19 -3.27
N TRP A 189 9.95 16.11 -2.32
CA TRP A 189 11.12 16.20 -1.46
C TRP A 189 10.80 15.86 -0.01
N GLY A 190 9.76 15.06 0.20
CA GLY A 190 9.34 14.64 1.52
C GLY A 190 8.58 15.69 2.32
N GLU A 191 8.16 15.29 3.52
CA GLU A 191 7.20 16.07 4.27
C GLU A 191 7.85 17.21 5.04
N GLU A 192 9.13 17.07 5.40
CA GLU A 192 9.81 18.09 6.23
C GLU A 192 10.19 19.35 5.43
N TRP A 193 10.14 19.25 4.11
CA TRP A 193 10.28 20.44 3.26
C TRP A 193 8.98 21.22 3.12
N GLY A 194 9.08 22.55 3.05
CA GLY A 194 7.92 23.41 2.73
C GLY A 194 6.79 23.41 3.73
N MET A 195 5.55 23.52 3.27
CA MET A 195 4.39 23.40 4.17
C MET A 195 3.87 21.96 4.13
N GLY A 196 4.59 21.09 4.84
CA GLY A 196 4.37 19.65 4.76
C GLY A 196 4.68 19.01 3.42
N GLY A 197 5.55 19.63 2.61
CA GLY A 197 5.97 19.06 1.29
C GLY A 197 5.44 19.88 0.12
N TYR A 198 4.58 20.83 0.47
CA TYR A 198 3.89 21.69 -0.46
C TYR A 198 4.47 23.09 -0.50
N VAL A 199 4.42 23.68 -1.68
CA VAL A 199 4.80 25.07 -1.84
C VAL A 199 3.63 25.81 -2.50
N LYS A 200 3.29 26.95 -1.92
CA LYS A 200 2.43 27.94 -2.55
C LYS A 200 3.28 28.74 -3.56
N MET A 201 2.94 28.64 -4.84
CA MET A 201 3.63 29.40 -5.89
C MET A 201 2.81 30.65 -6.21
N ALA A 202 3.45 31.75 -6.61
CA ALA A 202 2.70 32.94 -7.03
C ALA A 202 1.94 32.63 -8.32
N LYS A 203 0.65 32.95 -8.31
CA LYS A 203 -0.27 32.73 -9.41
C LYS A 203 -0.72 34.06 -10.05
N ASP A 204 -0.50 34.17 -11.36
CA ASP A 204 -0.90 35.36 -12.13
C ASP A 204 0.04 36.54 -11.90
N ARG A 205 1.32 36.21 -11.74
CA ARG A 205 2.41 37.18 -11.79
C ARG A 205 3.37 36.76 -12.93
N ARG A 206 2.89 37.01 -14.15
CA ARG A 206 3.63 36.79 -15.40
C ARG A 206 4.17 35.38 -15.59
N ASN A 207 3.34 34.37 -15.28
CA ASN A 207 3.68 32.94 -15.39
C ASN A 207 4.88 32.54 -14.50
N HIS A 208 4.84 32.92 -13.22
CA HIS A 208 5.99 32.77 -12.33
C HIS A 208 6.62 31.38 -12.29
N CYS A 209 7.92 31.31 -12.58
CA CYS A 209 8.70 30.04 -12.64
C CYS A 209 8.30 29.05 -13.72
N GLY A 210 7.46 29.51 -14.64
CA GLY A 210 7.11 28.77 -15.82
C GLY A 210 6.14 27.66 -15.54
N ILE A 211 5.31 27.85 -14.52
CA ILE A 211 4.37 26.85 -14.09
C ILE A 211 3.30 26.50 -15.17
N ALA A 212 2.95 27.48 -16.02
CA ALA A 212 1.97 27.22 -17.10
C ALA A 212 2.59 26.82 -18.43
N SER A 213 3.92 26.73 -18.49
CA SER A 213 4.64 26.52 -19.77
C SER A 213 4.75 25.06 -20.24
N ALA A 214 4.68 24.12 -19.31
CA ALA A 214 4.84 22.70 -19.63
C ALA A 214 3.87 21.87 -18.78
N ALA A 215 2.60 22.24 -18.83
CA ALA A 215 1.56 21.60 -18.02
C ALA A 215 0.77 20.54 -18.80
N SER A 216 0.47 19.42 -18.14
CA SER A 216 -0.22 18.31 -18.82
C SER A 216 -0.92 17.38 -17.84
N TYR A 217 -1.65 16.41 -18.38
CA TYR A 217 -2.32 15.39 -17.57
C TYR A 217 -2.66 14.15 -18.43
N PRO A 218 -2.79 12.97 -17.80
CA PRO A 218 -3.05 11.82 -18.66
C PRO A 218 -4.54 11.68 -18.90
N THR A 219 -4.94 11.20 -20.07
CA THR A 219 -6.34 10.84 -20.29
C THR A 219 -6.60 9.43 -19.71
N VAL A 220 -7.66 9.29 -18.93
CA VAL A 220 -7.86 8.05 -18.18
C VAL A 220 -9.29 7.55 -18.25
N ALA B 1 12.75 -32.05 10.30
CA ALA B 1 12.47 -30.60 10.12
C ALA B 1 13.56 -29.71 10.73
N PRO B 2 13.83 -28.54 10.12
CA PRO B 2 14.86 -27.60 10.60
C PRO B 2 14.77 -27.28 12.10
N ARG B 3 15.94 -27.12 12.73
CA ARG B 3 16.09 -26.88 14.18
C ARG B 3 15.23 -25.70 14.73
N SER B 4 15.02 -24.71 13.87
CA SER B 4 14.28 -23.49 14.19
C SER B 4 13.75 -22.97 12.85
N VAL B 5 12.70 -22.13 12.87
CA VAL B 5 12.11 -21.57 11.65
C VAL B 5 11.54 -20.16 11.88
N ASP B 6 11.76 -19.26 10.92
CA ASP B 6 11.11 -17.95 10.90
C ASP B 6 10.87 -17.48 9.46
N TRP B 7 9.64 -17.07 9.15
CA TRP B 7 9.33 -16.62 7.79
C TRP B 7 9.49 -15.13 7.58
N ARG B 8 9.55 -14.39 8.69
CA ARG B 8 9.78 -12.94 8.64
C ARG B 8 11.20 -12.64 8.17
N GLU B 9 12.14 -13.50 8.61
CA GLU B 9 13.50 -13.48 8.10
C GLU B 9 13.54 -13.60 6.57
N LYS B 10 12.48 -14.13 5.95
CA LYS B 10 12.47 -14.37 4.51
C LYS B 10 11.44 -13.53 3.73
N GLY B 11 10.86 -12.54 4.41
CA GLY B 11 9.90 -11.61 3.79
C GLY B 11 8.58 -12.22 3.34
N TYR B 12 8.14 -13.26 4.02
CA TYR B 12 6.82 -13.88 3.78
C TYR B 12 5.71 -13.22 4.61
N VAL B 13 6.11 -12.39 5.58
CA VAL B 13 5.16 -11.82 6.55
C VAL B 13 5.04 -10.30 6.53
N THR B 14 3.81 -9.81 6.25
CA THR B 14 3.46 -8.38 6.38
C THR B 14 3.40 -7.95 7.86
N PRO B 15 3.50 -6.65 8.12
CA PRO B 15 3.56 -6.24 9.54
C PRO B 15 2.30 -6.60 10.36
N VAL B 16 2.50 -6.82 11.67
CA VAL B 16 1.40 -7.01 12.63
C VAL B 16 0.32 -5.93 12.50
N LYS B 17 -0.89 -6.39 12.20
CA LYS B 17 -2.05 -5.54 12.02
C LYS B 17 -2.85 -5.61 13.31
N ASN B 18 -3.97 -4.88 13.34
CA ASN B 18 -4.81 -4.75 14.52
C ASN B 18 -6.30 -4.83 14.16
N GLN B 19 -7.01 -5.81 14.72
CA GLN B 19 -8.46 -5.98 14.43
C GLN B 19 -9.42 -4.94 15.09
N GLY B 20 -8.92 -4.17 16.07
CA GLY B 20 -9.73 -3.22 16.83
C GLY B 20 -10.84 -3.88 17.64
N GLN B 21 -11.89 -3.12 17.96
CA GLN B 21 -13.08 -3.66 18.58
C GLN B 21 -14.02 -4.26 17.51
N CYS B 22 -13.49 -5.27 16.80
CA CYS B 22 -14.24 -6.11 15.86
C CYS B 22 -13.71 -7.56 15.95
N GLY B 23 -14.60 -8.55 15.82
CA GLY B 23 -14.21 -9.96 15.90
C GLY B 23 -13.81 -10.54 14.56
N SER B 24 -12.71 -10.02 14.00
CA SER B 24 -12.27 -10.36 12.65
C SER B 24 -10.97 -11.17 12.66
N CYS B 25 -10.66 -11.79 13.80
CA CYS B 25 -9.42 -12.59 13.96
C CYS B 25 -9.24 -13.65 12.86
N TRP B 26 -10.30 -14.35 12.50
CA TRP B 26 -10.28 -15.33 11.39
C TRP B 26 -9.82 -14.73 10.09
N ALA B 27 -10.18 -13.47 9.87
CA ALA B 27 -9.84 -12.75 8.63
C ALA B 27 -8.36 -12.41 8.53
N PHE B 28 -7.80 -11.85 9.60
CA PHE B 28 -6.38 -11.51 9.68
C PHE B 28 -5.51 -12.77 9.58
N SER B 29 -5.99 -13.84 10.21
CA SER B 29 -5.36 -15.15 10.08
C SER B 29 -5.39 -15.60 8.65
N ALA B 30 -6.55 -15.45 8.02
CA ALA B 30 -6.76 -15.92 6.64
C ALA B 30 -5.87 -15.18 5.63
N THR B 31 -5.88 -13.85 5.72
CA THR B 31 -5.01 -13.00 4.90
C THR B 31 -3.52 -13.29 5.09
N GLY B 32 -3.11 -13.63 6.31
CA GLY B 32 -1.69 -13.92 6.61
C GLY B 32 -1.07 -15.10 5.89
N ALA B 33 -1.77 -16.25 5.91
CA ALA B 33 -1.32 -17.45 5.22
C ALA B 33 -1.46 -17.29 3.71
N LEU B 34 -2.30 -16.37 3.30
CA LEU B 34 -2.49 -16.12 1.89
C LEU B 34 -1.49 -15.10 1.38
N GLU B 35 -0.97 -14.26 2.28
CA GLU B 35 0.05 -13.30 1.92
C GLU B 35 1.35 -14.04 1.78
N GLY B 36 1.57 -15.01 2.67
CA GLY B 36 2.80 -15.80 2.69
C GLY B 36 2.93 -16.75 1.52
N GLN B 37 1.78 -17.23 1.01
CA GLN B 37 1.76 -18.12 -0.15
C GLN B 37 1.91 -17.38 -1.48
N MET B 38 1.40 -16.15 -1.54
CA MET B 38 1.59 -15.30 -2.73
C MET B 38 3.06 -14.94 -2.91
N PHE B 39 3.71 -14.57 -1.80
CA PHE B 39 5.14 -14.30 -1.79
C PHE B 39 5.95 -15.51 -2.27
N ARG B 40 5.53 -16.70 -1.86
CA ARG B 40 6.12 -17.94 -2.36
C ARG B 40 6.04 -17.98 -3.87
N LYS B 41 4.83 -17.80 -4.41
CA LYS B 41 4.60 -17.80 -5.85
C LYS B 41 5.41 -16.69 -6.56
N THR B 42 5.17 -15.43 -6.17
CA THR B 42 5.58 -14.28 -6.99
C THR B 42 6.95 -13.66 -6.67
N GLY B 43 7.16 -13.29 -5.41
CA GLY B 43 8.36 -12.54 -5.06
C GLY B 43 8.00 -11.18 -4.51
N ARG B 44 6.74 -10.76 -4.69
CA ARG B 44 6.24 -9.53 -4.10
C ARG B 44 5.36 -9.81 -2.88
N LEU B 45 5.69 -9.18 -1.77
CA LEU B 45 4.79 -9.19 -0.61
C LEU B 45 3.75 -8.07 -0.74
N ILE B 46 2.47 -8.45 -0.78
CA ILE B 46 1.37 -7.48 -0.87
C ILE B 46 0.32 -7.74 0.20
N SER B 47 -0.05 -6.67 0.92
CA SER B 47 -0.98 -6.76 2.04
C SER B 47 -2.44 -6.89 1.62
N LEU B 48 -3.16 -7.88 2.18
CA LEU B 48 -4.52 -8.20 1.77
C LEU B 48 -5.66 -7.66 2.66
N SER B 49 -6.85 -7.55 2.08
CA SER B 49 -7.97 -6.90 2.75
C SER B 49 -8.83 -7.81 3.65
N GLU B 50 -8.62 -7.69 4.96
CA GLU B 50 -9.53 -8.30 5.94
C GLU B 50 -10.97 -7.80 5.71
N GLN B 51 -11.12 -6.50 5.48
CA GLN B 51 -12.46 -5.91 5.28
C GLN B 51 -13.19 -6.48 4.05
N ASN B 52 -12.44 -6.92 3.05
CA ASN B 52 -12.99 -7.67 1.92
C ASN B 52 -13.58 -9.00 2.41
N LEU B 53 -12.81 -9.73 3.23
CA LEU B 53 -13.21 -11.02 3.79
C LEU B 53 -14.31 -10.89 4.84
N VAL B 54 -14.31 -9.79 5.58
CA VAL B 54 -15.34 -9.51 6.58
C VAL B 54 -16.69 -9.20 5.95
N ASP B 55 -16.68 -8.47 4.84
CA ASP B 55 -17.94 -8.09 4.18
C ASP B 55 -18.53 -9.20 3.30
N CYS B 56 -17.68 -9.82 2.50
CA CYS B 56 -18.13 -10.54 1.31
C CYS B 56 -18.08 -12.07 1.35
N SER B 57 -17.41 -12.64 2.35
CA SER B 57 -17.34 -14.10 2.50
C SER B 57 -18.52 -14.68 3.32
N GLY B 58 -19.54 -13.85 3.50
CA GLY B 58 -20.79 -14.29 4.12
C GLY B 58 -21.35 -15.58 3.55
N PRO B 59 -21.43 -15.69 2.20
CA PRO B 59 -21.94 -16.92 1.57
C PRO B 59 -21.16 -18.22 1.91
N GLN B 60 -19.92 -18.09 2.38
CA GLN B 60 -19.10 -19.25 2.76
C GLN B 60 -19.35 -19.69 4.19
N GLY B 61 -20.01 -18.83 4.95
CA GLY B 61 -20.42 -19.16 6.31
C GLY B 61 -19.79 -18.30 7.39
N ASN B 62 -19.13 -17.22 7.00
CA ASN B 62 -18.53 -16.33 8.00
C ASN B 62 -19.50 -15.29 8.54
N GLU B 63 -19.36 -14.96 9.82
CA GLU B 63 -20.32 -14.12 10.53
C GLU B 63 -19.84 -12.68 10.74
N GLY B 64 -19.28 -12.07 9.70
CA GLY B 64 -18.86 -10.67 9.78
C GLY B 64 -17.95 -10.36 10.96
N CYS B 65 -18.27 -9.31 11.72
CA CYS B 65 -17.44 -8.90 12.87
C CYS B 65 -17.81 -9.66 14.17
N ASN B 66 -18.74 -10.60 14.06
CA ASN B 66 -19.15 -11.41 15.19
C ASN B 66 -18.57 -12.84 15.12
N GLY B 67 -17.49 -13.00 14.36
CA GLY B 67 -16.78 -14.28 14.25
C GLY B 67 -16.72 -14.90 12.86
N GLY B 68 -15.90 -15.92 12.73
CA GLY B 68 -15.76 -16.63 11.47
C GLY B 68 -14.68 -17.66 11.55
N LEU B 69 -14.59 -18.48 10.51
CA LEU B 69 -13.61 -19.56 10.47
C LEU B 69 -12.74 -19.37 9.23
N MET B 70 -11.44 -19.62 9.37
CA MET B 70 -10.44 -19.32 8.32
C MET B 70 -10.63 -20.05 7.02
N ASP B 71 -11.21 -21.26 7.10
CA ASP B 71 -11.35 -22.13 5.94
C ASP B 71 -12.50 -21.67 5.03
N TYR B 72 -13.47 -20.94 5.60
CA TYR B 72 -14.54 -20.32 4.78
C TYR B 72 -13.97 -19.11 4.07
N ALA B 73 -13.02 -18.44 4.72
CA ALA B 73 -12.33 -17.34 4.09
C ALA B 73 -11.50 -17.84 2.90
N PHE B 74 -10.70 -18.89 3.10
CA PHE B 74 -9.99 -19.48 1.96
C PHE B 74 -10.97 -19.90 0.86
N GLN B 75 -12.08 -20.53 1.24
CA GLN B 75 -13.07 -20.98 0.25
C GLN B 75 -13.61 -19.77 -0.53
N TYR B 76 -13.80 -18.66 0.17
CA TYR B 76 -14.27 -17.45 -0.50
C TYR B 76 -13.33 -16.92 -1.61
N VAL B 77 -12.02 -17.01 -1.42
CA VAL B 77 -11.06 -16.58 -2.46
C VAL B 77 -11.03 -17.48 -3.68
N GLN B 78 -11.29 -18.77 -3.49
CA GLN B 78 -11.45 -19.65 -4.63
C GLN B 78 -12.81 -19.39 -5.28
N ASP B 79 -13.90 -19.37 -4.50
CA ASP B 79 -15.30 -19.18 -5.01
C ASP B 79 -15.62 -17.73 -5.42
N ASN B 80 -14.61 -17.04 -5.98
CA ASN B 80 -14.68 -15.60 -6.31
C ASN B 80 -13.69 -15.20 -7.42
N GLY B 81 -12.62 -15.97 -7.58
CA GLY B 81 -11.46 -15.58 -8.39
C GLY B 81 -10.27 -15.22 -7.51
N GLY B 82 -10.07 -13.92 -7.31
CA GLY B 82 -9.01 -13.45 -6.38
C GLY B 82 -9.51 -12.59 -5.23
N LEU B 83 -8.58 -11.94 -4.53
CA LEU B 83 -8.92 -11.05 -3.44
C LEU B 83 -8.19 -9.70 -3.58
N ASP B 84 -8.85 -8.62 -3.15
CA ASP B 84 -8.30 -7.25 -3.26
C ASP B 84 -7.23 -6.91 -2.19
N SER B 85 -6.37 -5.95 -2.53
CA SER B 85 -5.29 -5.45 -1.64
C SER B 85 -5.83 -4.73 -0.40
N GLU B 86 -4.97 -4.55 0.61
CA GLU B 86 -5.34 -3.73 1.77
C GLU B 86 -5.66 -2.30 1.34
N GLU B 87 -4.83 -1.75 0.45
CA GLU B 87 -4.91 -0.37 0.01
C GLU B 87 -6.17 -0.03 -0.78
N SER B 88 -6.69 -1.00 -1.54
CA SER B 88 -7.88 -0.75 -2.36
C SER B 88 -9.20 -1.00 -1.61
N TYR B 89 -9.17 -1.82 -0.57
CA TYR B 89 -10.31 -2.12 0.27
C TYR B 89 -9.86 -2.00 1.74
N PRO B 90 -9.80 -0.77 2.30
CA PRO B 90 -9.16 -0.59 3.62
C PRO B 90 -9.96 -1.22 4.77
N TYR B 91 -9.37 -1.24 5.96
CA TYR B 91 -10.00 -1.88 7.11
C TYR B 91 -10.80 -0.89 7.98
N GLU B 92 -12.10 -1.14 8.12
CA GLU B 92 -13.02 -0.22 8.83
C GLU B 92 -13.42 -0.70 10.23
N ALA B 93 -12.86 -1.83 10.68
CA ALA B 93 -13.13 -2.42 12.00
C ALA B 93 -14.62 -2.56 12.39
N THR B 94 -15.50 -2.61 11.39
CA THR B 94 -16.93 -2.97 11.57
C THR B 94 -17.55 -3.61 10.31
N GLU B 95 -18.61 -4.39 10.51
CA GLU B 95 -19.41 -5.00 9.43
C GLU B 95 -20.14 -3.95 8.56
N GLU B 96 -19.72 -3.81 7.31
CA GLU B 96 -20.36 -2.89 6.37
C GLU B 96 -20.65 -3.58 5.03
N SER B 97 -21.31 -2.87 4.12
CA SER B 97 -21.77 -3.43 2.83
C SER B 97 -20.62 -3.88 1.91
N CYS B 98 -20.89 -4.91 1.10
CA CYS B 98 -19.85 -5.54 0.27
C CYS B 98 -19.45 -4.71 -0.95
N LYS B 99 -18.14 -4.52 -1.12
CA LYS B 99 -17.57 -3.55 -2.06
C LYS B 99 -16.41 -4.10 -2.90
N TYR B 100 -16.47 -5.37 -3.26
CA TYR B 100 -15.37 -6.02 -3.98
C TYR B 100 -15.24 -5.52 -5.40
N ASN B 101 -14.00 -5.25 -5.83
CA ASN B 101 -13.71 -4.92 -7.22
C ASN B 101 -12.59 -5.80 -7.77
N PRO B 102 -12.91 -6.63 -8.79
CA PRO B 102 -11.96 -7.54 -9.44
C PRO B 102 -10.76 -6.86 -10.10
N LYS B 103 -10.89 -5.58 -10.46
CA LYS B 103 -9.81 -4.78 -11.06
C LYS B 103 -8.63 -4.54 -10.10
N TYR B 104 -8.86 -4.77 -8.80
CA TYR B 104 -7.84 -4.52 -7.78
C TYR B 104 -7.39 -5.79 -7.03
N SER B 105 -7.52 -6.94 -7.68
CA SER B 105 -7.25 -8.26 -7.10
C SER B 105 -5.76 -8.65 -7.17
N VAL B 106 -5.17 -9.00 -6.03
CA VAL B 106 -3.73 -9.34 -6.02
C VAL B 106 -3.38 -10.70 -5.37
N ALA B 107 -4.39 -11.55 -5.20
CA ALA B 107 -4.19 -12.89 -4.68
C ALA B 107 -5.08 -13.93 -5.36
N ASN B 108 -4.70 -15.19 -5.20
CA ASN B 108 -5.52 -16.30 -5.67
C ASN B 108 -5.21 -17.56 -4.86
N ASP B 109 -6.16 -18.48 -4.82
CA ASP B 109 -5.86 -19.82 -4.33
C ASP B 109 -6.57 -20.89 -5.14
N THR B 110 -5.97 -22.07 -5.17
CA THR B 110 -6.46 -23.22 -5.91
C THR B 110 -7.21 -24.17 -4.96
N GLY B 111 -7.40 -23.72 -3.73
CA GLY B 111 -8.06 -24.48 -2.67
C GLY B 111 -7.42 -24.19 -1.31
N PHE B 112 -7.40 -25.21 -0.46
CA PHE B 112 -6.72 -25.16 0.84
C PHE B 112 -6.44 -26.57 1.36
N VAL B 113 -5.34 -26.72 2.10
CA VAL B 113 -4.95 -28.01 2.71
C VAL B 113 -5.06 -27.94 4.24
N ASP B 114 -5.74 -28.92 4.84
CA ASP B 114 -5.90 -29.04 6.29
C ASP B 114 -4.86 -29.98 6.90
N ILE B 115 -4.23 -29.55 8.00
CA ILE B 115 -3.18 -30.37 8.64
C ILE B 115 -3.75 -31.26 9.77
N PRO B 116 -3.49 -32.59 9.70
CA PRO B 116 -3.82 -33.55 10.76
C PRO B 116 -3.57 -33.00 12.15
N LYS B 117 -4.49 -33.31 13.06
CA LYS B 117 -4.47 -32.76 14.42
C LYS B 117 -3.31 -33.32 15.26
N GLN B 118 -2.09 -33.00 14.84
CA GLN B 118 -0.84 -33.42 15.49
C GLN B 118 0.23 -32.35 15.33
N GLU B 119 0.91 -32.04 16.44
CA GLU B 119 1.92 -30.95 16.50
C GLU B 119 3.11 -31.23 15.61
N LYS B 120 3.52 -32.49 15.58
CA LYS B 120 4.59 -32.92 14.69
C LYS B 120 4.21 -32.62 13.23
N ALA B 121 2.98 -32.93 12.82
CA ALA B 121 2.50 -32.65 11.46
C ALA B 121 2.49 -31.16 11.13
N LEU B 122 2.37 -30.33 12.17
CA LEU B 122 2.34 -28.87 12.02
C LEU B 122 3.74 -28.30 11.87
N MET B 123 4.68 -28.88 12.61
CA MET B 123 6.11 -28.53 12.51
C MET B 123 6.60 -28.66 11.08
N LYS B 124 6.19 -29.75 10.43
CA LYS B 124 6.57 -30.04 9.03
C LYS B 124 5.93 -29.01 8.09
N ALA B 125 4.68 -28.61 8.37
CA ALA B 125 3.97 -27.69 7.48
C ALA B 125 4.61 -26.31 7.47
N VAL B 126 4.81 -25.74 8.66
CA VAL B 126 5.55 -24.50 8.85
C VAL B 126 6.90 -24.56 8.13
N ALA B 127 7.65 -25.64 8.34
CA ALA B 127 8.98 -25.76 7.75
C ALA B 127 8.97 -25.95 6.23
N THR B 128 7.96 -26.65 5.69
CA THR B 128 7.88 -26.96 4.25
C THR B 128 7.04 -26.00 3.41
N VAL B 129 6.15 -25.23 4.04
CA VAL B 129 5.27 -24.33 3.28
C VAL B 129 5.52 -22.85 3.61
N GLY B 130 5.30 -22.45 4.87
CA GLY B 130 5.40 -21.05 5.25
C GLY B 130 4.47 -20.76 6.42
N PRO B 131 4.02 -19.49 6.55
CA PRO B 131 3.00 -19.19 7.55
C PRO B 131 1.72 -20.05 7.40
N ILE B 132 1.22 -20.54 8.54
CA ILE B 132 0.06 -21.46 8.60
C ILE B 132 -1.09 -20.83 9.42
N SER B 133 -2.31 -20.85 8.88
CA SER B 133 -3.47 -20.45 9.70
C SER B 133 -3.73 -21.51 10.80
N VAL B 134 -3.87 -21.05 12.04
CA VAL B 134 -4.18 -21.89 13.20
C VAL B 134 -5.25 -21.23 14.08
N ALA B 135 -5.81 -22.02 14.98
CA ALA B 135 -6.81 -21.53 15.93
C ALA B 135 -6.43 -21.96 17.34
N ILE B 136 -6.55 -21.04 18.29
CA ILE B 136 -6.10 -21.28 19.68
C ILE B 136 -7.15 -20.88 20.74
N ASP B 137 -6.98 -21.36 21.97
CA ASP B 137 -7.81 -20.95 23.10
C ASP B 137 -7.16 -19.77 23.81
N ALA B 138 -7.76 -18.59 23.63
CA ALA B 138 -7.16 -17.32 24.06
C ALA B 138 -7.88 -16.64 25.24
N GLY B 139 -8.92 -17.29 25.77
CA GLY B 139 -9.81 -16.69 26.76
C GLY B 139 -9.18 -16.32 28.08
N HIS B 140 -7.90 -16.67 28.23
CA HIS B 140 -7.23 -16.69 29.52
C HIS B 140 -6.32 -15.52 29.78
N GLU B 141 -6.24 -15.12 31.04
CA GLU B 141 -5.61 -13.87 31.45
C GLU B 141 -4.15 -13.74 31.02
N SER B 142 -3.36 -14.79 31.26
CA SER B 142 -1.92 -14.77 30.95
C SER B 142 -1.62 -14.53 29.48
N PHE B 143 -2.65 -14.58 28.64
CA PHE B 143 -2.54 -14.24 27.22
C PHE B 143 -2.79 -12.75 27.01
N LEU B 144 -3.85 -12.23 27.64
CA LEU B 144 -4.20 -10.82 27.51
C LEU B 144 -3.06 -9.93 28.02
N PHE B 145 -2.78 -9.98 29.32
N PHE B 145 -2.79 -10.01 29.32
CA PHE B 145 -1.71 -9.16 29.89
CA PHE B 145 -1.71 -9.27 29.99
C PHE B 145 -0.34 -9.87 29.82
C PHE B 145 -0.37 -10.00 29.84
N TYR B 146 0.04 -10.24 28.60
CA TYR B 146 1.28 -10.99 28.31
C TYR B 146 2.33 -10.16 27.57
N LYS B 147 3.55 -10.13 28.13
CA LYS B 147 4.67 -9.34 27.58
C LYS B 147 5.72 -10.18 26.83
N GLU B 148 6.15 -11.29 27.43
CA GLU B 148 7.36 -11.98 26.98
C GLU B 148 7.46 -13.43 27.47
N GLY B 149 8.27 -14.22 26.76
CA GLY B 149 8.55 -15.61 27.13
C GLY B 149 7.75 -16.66 26.38
N ILE B 150 8.03 -17.93 26.69
CA ILE B 150 7.22 -19.05 26.22
C ILE B 150 5.94 -19.07 27.06
N TYR B 151 4.80 -18.92 26.38
CA TYR B 151 3.48 -18.96 27.00
C TYR B 151 3.11 -20.38 27.42
N PHE B 152 2.52 -20.50 28.61
CA PHE B 152 1.94 -21.75 29.10
C PHE B 152 0.80 -21.40 30.05
N GLU B 153 -0.41 -21.73 29.64
CA GLU B 153 -1.62 -21.57 30.45
C GLU B 153 -2.06 -22.95 30.93
N PRO B 154 -1.83 -23.27 32.23
CA PRO B 154 -2.09 -24.63 32.72
C PRO B 154 -3.51 -25.09 32.43
N ASP B 155 -4.47 -24.16 32.38
CA ASP B 155 -5.86 -24.52 32.17
C ASP B 155 -6.38 -24.11 30.80
N CYS B 156 -5.50 -24.24 29.79
CA CYS B 156 -5.84 -23.96 28.41
C CYS B 156 -6.56 -25.15 27.78
N SER B 157 -7.55 -24.86 26.93
CA SER B 157 -8.37 -25.87 26.25
C SER B 157 -7.69 -26.40 24.98
N SER B 158 -7.86 -27.69 24.69
CA SER B 158 -7.32 -28.33 23.46
C SER B 158 -8.45 -28.66 22.47
N GLU B 159 -9.66 -28.81 22.99
CA GLU B 159 -10.88 -29.04 22.20
C GLU B 159 -11.51 -27.72 21.73
N ASP B 160 -11.66 -26.76 22.66
CA ASP B 160 -12.42 -25.53 22.43
C ASP B 160 -11.54 -24.29 22.17
N MET B 161 -11.55 -23.82 20.93
CA MET B 161 -10.72 -22.68 20.52
C MET B 161 -11.55 -21.58 19.88
N ASP B 162 -11.17 -20.33 20.14
CA ASP B 162 -12.01 -19.16 19.83
C ASP B 162 -11.30 -17.99 19.15
N HIS B 163 -10.06 -18.22 18.70
CA HIS B 163 -9.22 -17.14 18.19
C HIS B 163 -8.27 -17.65 17.14
N GLY B 164 -8.42 -17.13 15.92
CA GLY B 164 -7.53 -17.48 14.80
C GLY B 164 -6.26 -16.63 14.76
N VAL B 165 -5.13 -17.29 14.57
CA VAL B 165 -3.85 -16.62 14.48
C VAL B 165 -3.04 -17.21 13.32
N LEU B 166 -1.79 -16.77 13.16
CA LEU B 166 -0.91 -17.29 12.12
C LEU B 166 0.35 -17.90 12.75
N VAL B 167 0.79 -19.06 12.28
CA VAL B 167 2.11 -19.58 12.72
C VAL B 167 3.16 -19.24 11.67
N VAL B 168 4.14 -18.42 12.06
CA VAL B 168 5.20 -17.93 11.15
C VAL B 168 6.56 -18.64 11.33
N GLY B 169 6.59 -19.60 12.25
CA GLY B 169 7.79 -20.36 12.52
C GLY B 169 7.72 -21.04 13.87
N TYR B 170 8.88 -21.53 14.31
CA TYR B 170 9.03 -22.17 15.61
C TYR B 170 10.50 -22.19 15.94
N GLY B 171 10.84 -22.45 17.20
CA GLY B 171 12.26 -22.61 17.58
C GLY B 171 12.59 -23.21 18.94
N PHE B 172 13.86 -23.17 19.29
CA PHE B 172 14.31 -23.68 20.58
C PHE B 172 15.05 -22.59 21.33
N GLU B 173 15.00 -22.65 22.67
CA GLU B 173 15.72 -21.69 23.52
C GLU B 173 16.77 -22.35 24.42
N ASN B 179 15.44 -28.55 27.40
CA ASN B 179 14.81 -29.21 26.26
C ASN B 179 13.49 -28.55 25.95
N ASN B 180 13.52 -27.24 25.69
CA ASN B 180 12.31 -26.44 25.44
C ASN B 180 12.00 -26.11 23.97
N LYS B 181 10.73 -25.91 23.69
CA LYS B 181 10.25 -25.57 22.35
C LYS B 181 9.16 -24.49 22.38
N TYR B 182 8.98 -23.78 21.26
CA TYR B 182 7.98 -22.71 21.17
C TYR B 182 7.41 -22.53 19.76
N TRP B 183 6.21 -21.94 19.69
CA TRP B 183 5.52 -21.66 18.44
C TRP B 183 5.59 -20.20 18.17
N LEU B 184 6.05 -19.84 16.96
CA LEU B 184 6.20 -18.44 16.56
C LEU B 184 4.92 -17.94 15.88
N VAL B 185 4.07 -17.33 16.69
CA VAL B 185 2.70 -17.08 16.29
C VAL B 185 2.49 -15.59 16.14
N LYS B 186 1.89 -15.19 15.02
CA LYS B 186 1.56 -13.80 14.74
C LYS B 186 0.13 -13.52 15.13
N ASN B 187 -0.06 -12.48 15.94
CA ASN B 187 -1.39 -12.08 16.41
C ASN B 187 -1.80 -10.83 15.66
N SER B 188 -3.08 -10.49 15.75
CA SER B 188 -3.63 -9.28 15.18
C SER B 188 -4.12 -8.32 16.29
N TRP B 189 -3.30 -8.16 17.34
CA TRP B 189 -3.61 -7.19 18.38
C TRP B 189 -2.64 -6.03 18.44
N GLY B 190 -2.21 -5.59 17.24
CA GLY B 190 -1.37 -4.41 17.09
C GLY B 190 0.04 -4.70 17.54
N GLU B 191 0.95 -3.76 17.32
CA GLU B 191 2.36 -4.02 17.64
C GLU B 191 2.60 -3.81 19.11
N GLU B 192 1.58 -3.25 19.75
CA GLU B 192 1.62 -2.81 21.15
C GLU B 192 1.53 -3.98 22.11
N TRP B 193 1.04 -5.12 21.62
CA TRP B 193 0.86 -6.31 22.46
C TRP B 193 1.90 -7.41 22.25
N GLY B 194 2.29 -8.09 23.32
CA GLY B 194 3.22 -9.23 23.23
C GLY B 194 4.64 -8.87 22.79
N MET B 195 5.19 -9.62 21.84
CA MET B 195 6.51 -9.30 21.28
C MET B 195 6.41 -8.64 19.90
N GLY B 196 5.85 -7.44 19.92
CA GLY B 196 5.67 -6.62 18.73
C GLY B 196 4.46 -7.05 17.95
N GLY B 197 3.54 -7.71 18.66
CA GLY B 197 2.34 -8.31 18.08
C GLY B 197 2.45 -9.82 17.96
N TYR B 198 3.57 -10.35 18.45
CA TYR B 198 3.88 -11.77 18.30
C TYR B 198 3.84 -12.48 19.64
N VAL B 199 3.62 -13.80 19.60
CA VAL B 199 3.58 -14.62 20.81
C VAL B 199 4.23 -15.97 20.61
N LYS B 200 5.04 -16.37 21.59
CA LYS B 200 5.59 -17.72 21.67
C LYS B 200 4.61 -18.64 22.40
N MET B 201 3.94 -19.54 21.67
CA MET B 201 3.10 -20.57 22.28
C MET B 201 3.99 -21.75 22.63
N ALA B 202 3.64 -22.49 23.68
CA ALA B 202 4.41 -23.68 24.04
C ALA B 202 4.25 -24.70 22.93
N LYS B 203 5.35 -25.33 22.55
CA LYS B 203 5.35 -26.27 21.42
C LYS B 203 5.70 -27.69 21.83
N ASP B 204 5.05 -28.66 21.19
CA ASP B 204 5.19 -30.09 21.48
C ASP B 204 4.93 -30.42 22.95
N ARG B 205 3.91 -29.77 23.53
CA ARG B 205 3.54 -29.95 24.94
C ARG B 205 2.07 -30.30 25.08
N ARG B 206 1.70 -31.50 24.66
CA ARG B 206 0.29 -31.97 24.68
C ARG B 206 -0.65 -31.01 23.95
N ASN B 207 -0.26 -30.63 22.72
CA ASN B 207 -1.06 -29.77 21.82
C ASN B 207 -1.56 -28.48 22.47
N HIS B 208 -0.64 -27.72 23.04
CA HIS B 208 -1.02 -26.61 23.90
C HIS B 208 -1.90 -25.62 23.22
N CYS B 209 -3.02 -25.34 23.89
CA CYS B 209 -4.07 -24.46 23.39
C CYS B 209 -4.63 -24.85 22.02
N GLY B 210 -4.43 -26.12 21.62
CA GLY B 210 -4.99 -26.64 20.39
C GLY B 210 -4.41 -26.01 19.14
N ILE B 211 -3.14 -25.64 19.20
CA ILE B 211 -2.48 -24.97 18.07
C ILE B 211 -2.53 -25.85 16.81
N ALA B 212 -2.37 -27.17 16.99
CA ALA B 212 -2.34 -28.11 15.87
C ALA B 212 -3.72 -28.68 15.48
N SER B 213 -4.75 -28.27 16.23
CA SER B 213 -6.14 -28.76 16.08
C SER B 213 -6.94 -28.28 14.85
N ALA B 214 -6.76 -27.02 14.44
CA ALA B 214 -7.46 -26.51 13.25
C ALA B 214 -6.48 -25.74 12.39
N ALA B 215 -5.47 -26.46 11.93
CA ALA B 215 -4.38 -25.90 11.16
C ALA B 215 -4.58 -26.11 9.65
N SER B 216 -4.53 -25.02 8.90
CA SER B 216 -4.71 -25.06 7.44
C SER B 216 -3.78 -24.06 6.74
N TYR B 217 -3.61 -24.23 5.45
CA TYR B 217 -2.87 -23.28 4.62
C TYR B 217 -3.41 -23.38 3.19
N PRO B 218 -3.48 -22.24 2.46
CA PRO B 218 -4.04 -22.25 1.11
C PRO B 218 -2.98 -22.53 0.02
N THR B 219 -3.38 -23.33 -0.98
CA THR B 219 -2.52 -23.67 -2.11
C THR B 219 -2.66 -22.68 -3.27
N VAL B 220 -1.64 -22.60 -4.11
CA VAL B 220 -1.62 -21.68 -5.25
C VAL B 220 -1.06 -22.37 -6.49
C1 C7Q C . 11.15 20.92 -18.03
C2 C7Q C . 9.93 20.51 -18.59
C3 C7Q C . 9.31 19.33 -18.08
C4 C7Q C . 9.95 18.60 -17.06
C5 C7Q C . 11.18 19.02 -16.51
C6 C7Q C . 11.77 20.18 -17.02
O7 C7Q C . 9.34 21.29 -19.61
C8 C7Q C . 9.93 21.22 -20.93
C9 C7Q C . 11.78 18.21 -15.45
C10 C7Q C . 13.20 17.77 -15.81
N11 C7Q C . 13.41 17.26 -17.13
C12 C7Q C . 13.74 16.80 -14.74
C13 C7Q C . 14.44 17.61 -17.97
C14 C7Q C . 14.39 16.91 -19.29
O15 C7Q C . 15.31 18.46 -17.66
N16 C7Q C . 14.31 17.43 -13.65
C17 C7Q C . 14.88 16.77 -12.53
C18 C7Q C . 13.91 16.45 -11.50
N19 C7Q C . 14.32 16.30 -10.27
O20 C7Q C . 13.64 15.55 -14.93
C21 C7Q C . 16.06 15.84 -12.69
C22 C7Q C . 16.27 17.16 -12.02
C23 C7Q C . 14.95 15.64 -19.41
C24 C7Q C . 14.91 14.98 -20.65
C25 C7Q C . 14.30 15.61 -21.73
C26 C7Q C . 13.75 16.87 -21.61
C27 C7Q C . 13.79 17.55 -20.37
C28 C7Q C . 13.20 18.89 -20.20
C29 C7Q C . 13.55 19.91 -21.26
CL C7Q C . 7.82 18.71 -18.65
C31 C7Q C . 11.19 20.43 -20.93
C32 C7Q C . 12.39 20.82 -21.38
C1 C7Q D . -12.21 -22.15 16.04
C2 C7Q D . -11.73 -22.76 14.86
C3 C7Q D . -11.27 -21.93 13.79
C4 C7Q D . -11.33 -20.53 13.95
C5 C7Q D . -11.83 -19.94 15.11
C6 C7Q D . -12.27 -20.77 16.16
O7 C7Q D . -11.70 -24.17 14.80
C8 C7Q D . -12.80 -24.81 15.50
C9 C7Q D . -11.90 -18.45 15.23
C10 C7Q D . -13.28 -18.07 15.81
N11 C7Q D . -14.45 -18.58 15.17
C12 C7Q D . -13.45 -16.53 15.98
C13 C7Q D . -15.63 -18.78 15.88
C14 C7Q D . -16.80 -19.28 15.09
O15 C7Q D . -15.68 -18.55 17.10
N16 C7Q D . -12.95 -15.93 17.10
C17 C7Q D . -13.08 -14.53 17.31
C18 C7Q D . -11.95 -13.75 16.84
N19 C7Q D . -11.75 -12.54 17.29
O20 C7Q D . -14.08 -15.91 15.09
C21 C7Q D . -14.46 -13.87 17.20
C22 C7Q D . -13.81 -14.00 18.54
C23 C7Q D . -17.47 -18.33 14.31
C24 C7Q D . -18.59 -18.68 13.55
C25 C7Q D . -19.02 -20.01 13.58
C26 C7Q D . -18.35 -20.95 14.37
C27 C7Q D . -17.23 -20.61 15.14
C28 C7Q D . -16.54 -21.62 15.98
C29 C7Q D . -16.20 -22.93 15.29
CL C7Q D . -10.65 -22.55 12.33
C31 C7Q D . -14.12 -24.27 15.05
C32 C7Q D . -14.90 -23.46 15.77
#